data_9BK5
#
_entry.id   9BK5
#
_cell.length_a   77.790
_cell.length_b   77.790
_cell.length_c   173.525
_cell.angle_alpha   90.000
_cell.angle_beta   90.000
_cell.angle_gamma   90.000
#
_symmetry.space_group_name_H-M   'I 41 2 2'
#
loop_
_entity.id
_entity.type
_entity.pdbx_description
1 polymer 'LNG binder'
2 polymer Alpha-cobratoxin
#
loop_
_entity_poly.entity_id
_entity_poly.type
_entity_poly.pdbx_seq_one_letter_code
_entity_poly.pdbx_strand_id
1 'polypeptide(L)'
;MSGGSPAEREAGRIVVRGDVAIAEAVVRKVGEVAGKEVILLISYRKNGEWITYQRNLEATPEDVERTIAVIREIYEESGG
DFILAIFSDPEVGAAGRAVAAAAAGGSGSHHWGSTHHHHHH
;
A
2 'polypeptide(L)' IRCFITPDITSKDCPNGHVCYTKTWCDAFCSIRGKRVDLGCAATCPTVKTGVDIQCCSTDNCNPFPTRKRP B
#
# COMPACT_ATOMS: atom_id res chain seq x y z
N GLY A 12 -3.04 12.99 -9.39
CA GLY A 12 -4.26 12.23 -9.23
C GLY A 12 -4.28 11.36 -8.00
N ARG A 13 -3.66 11.84 -6.92
CA ARG A 13 -3.55 11.08 -5.68
C ARG A 13 -4.68 11.46 -4.73
N ILE A 14 -5.10 10.48 -3.92
CA ILE A 14 -6.14 10.65 -2.93
C ILE A 14 -5.72 9.94 -1.65
N VAL A 15 -5.74 10.65 -0.53
CA VAL A 15 -5.28 10.12 0.75
C VAL A 15 -6.38 10.32 1.78
N VAL A 16 -6.78 9.23 2.42
CA VAL A 16 -7.75 9.25 3.52
C VAL A 16 -7.08 8.61 4.73
N ARG A 17 -7.13 9.31 5.87
CA ARG A 17 -6.46 8.87 7.10
C ARG A 17 -7.48 8.92 8.24
N GLY A 18 -7.99 7.75 8.64
CA GLY A 18 -8.81 7.67 9.83
C GLY A 18 -10.30 7.61 9.60
N ASP A 19 -10.84 8.52 8.78
CA ASP A 19 -12.27 8.59 8.54
C ASP A 19 -12.71 7.41 7.67
N VAL A 20 -13.41 6.45 8.28
CA VAL A 20 -13.80 5.25 7.55
C VAL A 20 -14.93 5.56 6.58
N ALA A 21 -15.87 6.42 6.99
CA ALA A 21 -17.02 6.72 6.15
C ALA A 21 -16.60 7.46 4.89
N ILE A 22 -15.66 8.40 5.03
CA ILE A 22 -15.14 9.12 3.86
C ILE A 22 -14.26 8.20 3.01
N ALA A 23 -13.53 7.29 3.64
CA ALA A 23 -12.82 6.28 2.86
C ALA A 23 -13.77 5.45 2.01
N GLU A 24 -14.94 5.11 2.58
CA GLU A 24 -15.93 4.36 1.82
C GLU A 24 -16.56 5.21 0.72
N ALA A 25 -16.84 6.48 1.03
CA ALA A 25 -17.44 7.36 0.03
C ALA A 25 -16.51 7.54 -1.17
N VAL A 26 -15.19 7.55 -0.94
CA VAL A 26 -14.27 7.70 -2.05
C VAL A 26 -14.24 6.43 -2.88
N VAL A 27 -14.07 5.27 -2.23
CA VAL A 27 -13.95 4.01 -2.96
C VAL A 27 -15.18 3.77 -3.84
N ARG A 28 -16.36 4.22 -3.38
CA ARG A 28 -17.55 4.11 -4.21
C ARG A 28 -17.45 4.98 -5.45
N LYS A 29 -17.03 6.24 -5.26
CA LYS A 29 -16.95 7.16 -6.41
C LYS A 29 -15.87 6.73 -7.38
N VAL A 30 -14.76 6.19 -6.88
CA VAL A 30 -13.69 5.73 -7.76
C VAL A 30 -14.20 4.65 -8.70
N GLY A 31 -14.85 3.63 -8.14
CA GLY A 31 -15.34 2.51 -8.93
C GLY A 31 -16.67 2.71 -9.63
N GLU A 32 -17.27 3.90 -9.52
CA GLU A 32 -18.54 4.18 -10.19
C GLU A 32 -18.40 4.00 -11.70
N VAL A 33 -17.65 4.89 -12.34
CA VAL A 33 -17.34 4.79 -13.76
C VAL A 33 -15.85 5.07 -13.92
N ALA A 34 -15.07 4.02 -14.16
CA ALA A 34 -13.62 4.18 -14.31
C ALA A 34 -13.10 2.93 -15.02
N GLY A 35 -13.17 2.93 -16.36
CA GLY A 35 -12.58 1.85 -17.12
C GLY A 35 -11.11 1.64 -16.81
N LYS A 36 -10.41 2.72 -16.48
CA LYS A 36 -9.04 2.63 -15.99
C LYS A 36 -9.06 2.19 -14.54
N GLU A 37 -8.46 1.03 -14.25
CA GLU A 37 -8.39 0.54 -12.90
C GLU A 37 -7.58 1.51 -12.02
N VAL A 38 -7.66 1.29 -10.70
CA VAL A 38 -6.90 2.08 -9.75
C VAL A 38 -6.17 1.14 -8.82
N ILE A 39 -5.07 1.62 -8.25
CA ILE A 39 -4.24 0.87 -7.31
C ILE A 39 -4.44 1.48 -5.93
N LEU A 40 -4.79 0.64 -4.96
CA LEU A 40 -5.03 1.09 -3.60
C LEU A 40 -3.87 0.71 -2.70
N LEU A 41 -3.50 1.62 -1.80
CA LEU A 41 -2.53 1.36 -0.76
C LEU A 41 -3.25 1.47 0.58
N ILE A 42 -3.29 0.37 1.31
CA ILE A 42 -4.04 0.30 2.57
C ILE A 42 -3.05 -0.09 3.66
N SER A 43 -2.81 0.84 4.58
CA SER A 43 -1.92 0.62 5.71
C SER A 43 -2.70 0.82 7.01
N TYR A 44 -2.41 -0.01 8.01
CA TYR A 44 -3.03 0.14 9.31
C TYR A 44 -2.09 -0.42 10.36
N ARG A 45 -2.24 0.09 11.58
CA ARG A 45 -1.42 -0.34 12.72
C ARG A 45 -2.21 -1.30 13.59
N LYS A 46 -1.59 -2.43 13.92
CA LYS A 46 -2.20 -3.40 14.81
C LYS A 46 -1.09 -4.09 15.58
N ASN A 47 -1.23 -4.15 16.90
CA ASN A 47 -0.21 -4.72 17.80
C ASN A 47 1.11 -3.96 17.68
N GLY A 48 1.02 -2.63 17.50
CA GLY A 48 2.18 -1.78 17.40
C GLY A 48 2.89 -1.78 16.07
N GLU A 49 2.61 -2.75 15.21
CA GLU A 49 3.27 -2.87 13.91
C GLU A 49 2.39 -2.30 12.81
N TRP A 50 3.00 -1.57 11.89
CA TRP A 50 2.30 -1.06 10.72
C TRP A 50 2.46 -2.05 9.57
N ILE A 51 1.34 -2.35 8.92
CA ILE A 51 1.29 -3.34 7.84
C ILE A 51 0.60 -2.69 6.64
N THR A 52 1.16 -2.92 5.45
CA THR A 52 0.74 -2.26 4.23
C THR A 52 0.33 -3.28 3.18
N TYR A 53 -0.80 -3.04 2.52
CA TYR A 53 -1.27 -3.87 1.42
C TYR A 53 -1.38 -3.03 0.15
N GLN A 54 -1.28 -3.70 -0.99
CA GLN A 54 -1.53 -3.08 -2.29
C GLN A 54 -2.59 -3.90 -3.00
N ARG A 55 -3.72 -3.27 -3.31
CA ARG A 55 -4.87 -3.97 -3.86
C ARG A 55 -5.39 -3.22 -5.09
N ASN A 56 -5.56 -3.95 -6.19
CA ASN A 56 -6.19 -3.40 -7.37
C ASN A 56 -7.70 -3.33 -7.18
N LEU A 57 -8.30 -2.25 -7.67
CA LEU A 57 -9.76 -2.06 -7.59
C LEU A 57 -10.33 -2.07 -9.01
N GLU A 58 -11.21 -3.04 -9.27
CA GLU A 58 -11.90 -3.12 -10.55
C GLU A 58 -13.11 -2.20 -10.55
N ALA A 59 -13.49 -1.75 -11.75
CA ALA A 59 -14.65 -0.88 -11.88
C ALA A 59 -15.97 -1.59 -11.59
N THR A 60 -15.94 -2.89 -11.31
CA THR A 60 -17.17 -3.64 -11.09
C THR A 60 -17.79 -3.24 -9.75
N PRO A 61 -19.13 -3.31 -9.66
CA PRO A 61 -19.77 -3.09 -8.34
C PRO A 61 -19.48 -4.19 -7.34
N GLU A 62 -19.13 -5.39 -7.79
CA GLU A 62 -18.79 -6.46 -6.87
C GLU A 62 -17.48 -6.15 -6.15
N ASP A 63 -16.42 -5.85 -6.90
CA ASP A 63 -15.14 -5.53 -6.29
C ASP A 63 -15.20 -4.24 -5.48
N VAL A 64 -16.14 -3.34 -5.80
CA VAL A 64 -16.36 -2.18 -4.95
C VAL A 64 -16.88 -2.62 -3.59
N GLU A 65 -17.89 -3.50 -3.60
CA GLU A 65 -18.43 -4.02 -2.33
C GLU A 65 -17.35 -4.74 -1.53
N ARG A 66 -16.53 -5.54 -2.19
CA ARG A 66 -15.47 -6.27 -1.49
C ARG A 66 -14.47 -5.30 -0.85
N THR A 67 -14.07 -4.27 -1.61
CA THR A 67 -13.11 -3.31 -1.08
C THR A 67 -13.68 -2.55 0.12
N ILE A 68 -14.96 -2.18 0.06
CA ILE A 68 -15.61 -1.51 1.19
C ILE A 68 -15.51 -2.38 2.44
N ALA A 69 -15.77 -3.69 2.29
CA ALA A 69 -15.70 -4.59 3.43
C ALA A 69 -14.29 -4.68 3.98
N VAL A 70 -13.27 -4.66 3.10
CA VAL A 70 -11.90 -4.71 3.58
C VAL A 70 -11.58 -3.44 4.38
N ILE A 71 -12.09 -2.29 3.94
CA ILE A 71 -11.90 -1.06 4.70
C ILE A 71 -12.54 -1.18 6.07
N ARG A 72 -13.79 -1.67 6.12
CA ARG A 72 -14.49 -1.82 7.39
C ARG A 72 -13.77 -2.79 8.31
N GLU A 73 -13.23 -3.88 7.75
CA GLU A 73 -12.52 -4.85 8.58
C GLU A 73 -11.23 -4.25 9.12
N ILE A 74 -10.50 -3.50 8.28
CA ILE A 74 -9.27 -2.85 8.73
C ILE A 74 -9.58 -1.79 9.78
N TYR A 75 -10.65 -1.00 9.56
CA TYR A 75 -11.06 0.00 10.55
C TYR A 75 -11.41 -0.64 11.88
N GLU A 76 -11.92 -1.88 11.86
CA GLU A 76 -12.28 -2.55 13.10
C GLU A 76 -11.04 -3.00 13.87
N GLU A 77 -10.07 -3.59 13.16
CA GLU A 77 -8.85 -4.05 13.83
C GLU A 77 -8.01 -2.88 14.33
N SER A 78 -7.68 -1.94 13.44
CA SER A 78 -6.79 -0.85 13.77
C SER A 78 -7.44 0.21 14.66
N GLY A 79 -8.76 0.17 14.83
CA GLY A 79 -9.44 1.18 15.63
C GLY A 79 -9.31 2.58 15.09
N GLY A 80 -9.29 2.74 13.77
CA GLY A 80 -9.17 4.04 13.14
C GLY A 80 -7.78 4.37 12.63
N ASP A 81 -6.74 3.73 13.16
CA ASP A 81 -5.37 3.97 12.71
C ASP A 81 -5.14 3.25 11.39
N PHE A 82 -5.71 3.80 10.32
CA PHE A 82 -5.53 3.27 8.99
C PHE A 82 -5.28 4.41 8.01
N ILE A 83 -4.61 4.08 6.91
CA ILE A 83 -4.28 5.02 5.86
C ILE A 83 -4.70 4.41 4.53
N LEU A 84 -5.50 5.15 3.77
CA LEU A 84 -5.95 4.73 2.44
C LEU A 84 -5.41 5.72 1.41
N ALA A 85 -4.58 5.22 0.49
CA ALA A 85 -4.02 6.02 -0.58
C ALA A 85 -4.43 5.41 -1.91
N ILE A 86 -4.86 6.26 -2.84
CA ILE A 86 -5.40 5.83 -4.12
C ILE A 86 -4.53 6.39 -5.24
N PHE A 87 -4.09 5.50 -6.13
CA PHE A 87 -3.21 5.85 -7.23
C PHE A 87 -3.93 5.52 -8.53
N SER A 88 -4.32 6.55 -9.28
CA SER A 88 -4.99 6.33 -10.56
C SER A 88 -4.01 5.79 -11.59
N ASP A 89 -3.55 4.55 -11.39
CA ASP A 89 -2.53 3.95 -12.22
C ASP A 89 -3.02 2.65 -12.88
N ILE B 1 20.61 7.26 1.64
CA ILE B 1 20.00 7.29 0.32
C ILE B 1 18.53 7.69 0.42
N ARG B 2 18.17 8.74 -0.31
CA ARG B 2 16.81 9.28 -0.36
C ARG B 2 15.86 8.22 -0.91
N CYS B 3 15.00 7.66 -0.05
CA CYS B 3 14.12 6.56 -0.43
C CYS B 3 12.72 6.77 0.10
N PHE B 4 11.74 6.28 -0.67
CA PHE B 4 10.37 6.21 -0.19
C PHE B 4 10.21 5.13 0.87
N ILE B 5 9.24 5.33 1.76
CA ILE B 5 9.12 4.55 2.99
C ILE B 5 7.64 4.27 3.26
N THR B 6 7.34 2.96 3.61
CA THR B 6 6.05 2.53 4.13
C THR B 6 6.00 2.77 5.64
N PRO B 7 4.82 3.00 6.22
CA PRO B 7 3.48 2.95 5.63
C PRO B 7 2.94 4.29 5.11
N ASP B 8 3.64 5.40 5.29
CA ASP B 8 3.13 6.72 4.95
C ASP B 8 3.37 7.11 3.49
N ILE B 9 4.15 6.31 2.74
CA ILE B 9 4.47 6.59 1.34
C ILE B 9 5.19 7.92 1.21
N THR B 10 5.86 8.33 2.26
CA THR B 10 6.68 9.54 2.25
C THR B 10 8.13 9.15 1.98
N SER B 11 9.03 10.13 2.10
CA SER B 11 10.44 9.94 1.81
C SER B 11 11.26 10.15 3.07
N LYS B 12 12.51 9.70 3.01
CA LYS B 12 13.38 9.71 4.17
C LYS B 12 14.74 10.32 3.83
N ASP B 13 15.82 9.65 4.24
CA ASP B 13 17.18 10.11 3.99
C ASP B 13 18.14 8.94 4.08
N CYS B 14 18.14 8.25 5.22
CA CYS B 14 18.98 7.09 5.52
C CYS B 14 20.45 7.38 5.20
N PRO B 15 21.18 8.05 6.10
CA PRO B 15 22.58 8.38 5.78
C PRO B 15 23.47 7.16 5.67
N ASN B 16 23.14 6.08 6.37
CA ASN B 16 23.88 4.83 6.27
C ASN B 16 23.41 3.94 5.12
N GLY B 17 22.23 4.21 4.58
CA GLY B 17 21.70 3.40 3.50
C GLY B 17 22.35 3.73 2.17
N HIS B 18 22.43 2.71 1.31
CA HIS B 18 23.01 2.85 -0.02
C HIS B 18 22.06 2.44 -1.14
N VAL B 19 20.85 1.99 -0.81
CA VAL B 19 19.95 1.40 -1.80
C VAL B 19 18.53 1.42 -1.24
N CYS B 20 17.58 1.75 -2.11
CA CYS B 20 16.16 1.61 -1.79
C CYS B 20 15.67 0.23 -2.21
N TYR B 21 14.80 -0.35 -1.39
CA TYR B 21 14.27 -1.68 -1.68
C TYR B 21 12.75 -1.64 -1.81
N THR B 22 12.21 -2.71 -2.39
CA THR B 22 10.76 -2.89 -2.55
C THR B 22 10.49 -4.38 -2.41
N LYS B 23 9.80 -4.76 -1.33
CA LYS B 23 9.50 -6.17 -1.04
C LYS B 23 8.00 -6.38 -1.13
N THR B 24 7.60 -7.34 -1.96
CA THR B 24 6.20 -7.73 -2.12
C THR B 24 6.07 -9.22 -1.91
N TRP B 25 5.04 -9.64 -1.18
CA TRP B 25 4.80 -11.05 -0.92
C TRP B 25 3.34 -11.24 -0.53
N CYS B 26 2.96 -12.49 -0.33
CA CYS B 26 1.60 -12.87 0.00
C CYS B 26 1.51 -13.33 1.45
N ASP B 27 0.45 -12.92 2.13
CA ASP B 27 0.06 -13.51 3.40
C ASP B 27 -1.30 -14.18 3.23
N ALA B 28 -1.93 -14.52 4.35
CA ALA B 28 -3.20 -15.25 4.30
C ALA B 28 -4.31 -14.45 3.62
N PHE B 29 -4.14 -13.13 3.45
CA PHE B 29 -5.16 -12.27 2.88
C PHE B 29 -4.78 -11.76 1.49
N CYS B 30 -3.97 -12.52 0.75
CA CYS B 30 -3.50 -12.03 -0.55
C CYS B 30 -4.65 -11.92 -1.54
N SER B 31 -5.56 -12.89 -1.55
CA SER B 31 -6.70 -12.85 -2.44
C SER B 31 -7.83 -11.96 -1.94
N ILE B 32 -7.66 -11.32 -0.78
CA ILE B 32 -8.71 -10.51 -0.19
C ILE B 32 -8.23 -9.07 -0.06
N ARG B 33 -7.11 -8.86 0.62
CA ARG B 33 -6.56 -7.53 0.82
C ARG B 33 -5.51 -7.14 -0.21
N GLY B 34 -4.96 -8.10 -0.94
CA GLY B 34 -3.90 -7.85 -1.88
C GLY B 34 -2.56 -8.33 -1.34
N LYS B 35 -1.51 -8.01 -2.08
CA LYS B 35 -0.17 -8.44 -1.69
C LYS B 35 0.42 -7.49 -0.64
N ARG B 36 1.26 -8.05 0.22
CA ARG B 36 1.96 -7.26 1.22
C ARG B 36 3.06 -6.44 0.58
N VAL B 37 3.33 -5.27 1.15
CA VAL B 37 4.29 -4.32 0.58
C VAL B 37 5.18 -3.79 1.69
N ASP B 38 6.48 -3.68 1.40
CA ASP B 38 7.44 -3.06 2.31
C ASP B 38 8.45 -2.29 1.47
N LEU B 39 8.45 -0.96 1.61
CA LEU B 39 9.40 -0.09 0.93
C LEU B 39 10.33 0.54 1.96
N GLY B 40 11.60 0.68 1.60
CA GLY B 40 12.52 1.30 2.51
C GLY B 40 13.91 1.40 1.92
N CYS B 41 14.86 1.69 2.82
CA CYS B 41 16.27 1.85 2.49
C CYS B 41 17.08 0.86 3.32
N ALA B 42 18.30 0.61 2.86
CA ALA B 42 19.17 -0.35 3.55
C ALA B 42 20.61 -0.09 3.14
N ALA B 43 21.53 -0.57 3.98
CA ALA B 43 22.96 -0.46 3.66
C ALA B 43 23.30 -1.27 2.42
N THR B 44 22.71 -2.46 2.29
CA THR B 44 22.89 -3.29 1.11
C THR B 44 21.53 -3.83 0.68
N CYS B 45 21.47 -4.26 -0.57
CA CYS B 45 20.24 -4.84 -1.10
C CYS B 45 19.89 -6.10 -0.31
N PRO B 46 18.70 -6.19 0.27
CA PRO B 46 18.38 -7.36 1.10
C PRO B 46 18.39 -8.65 0.30
N THR B 47 18.56 -9.75 1.03
CA THR B 47 18.71 -11.07 0.41
C THR B 47 17.36 -11.57 -0.10
N VAL B 48 17.40 -12.28 -1.23
CA VAL B 48 16.18 -12.81 -1.82
C VAL B 48 15.64 -13.95 -0.97
N LYS B 49 14.32 -14.15 -1.03
CA LYS B 49 13.67 -15.28 -0.39
C LYS B 49 12.74 -15.95 -1.39
N THR B 50 12.28 -17.15 -1.02
CA THR B 50 11.58 -18.01 -1.98
C THR B 50 10.21 -17.45 -2.36
N GLY B 51 9.50 -16.87 -1.39
CA GLY B 51 8.16 -16.35 -1.64
C GLY B 51 8.02 -14.86 -1.68
N VAL B 52 9.12 -14.09 -1.75
CA VAL B 52 9.09 -12.64 -1.71
C VAL B 52 9.73 -12.10 -2.97
N ASP B 53 9.10 -11.12 -3.59
CA ASP B 53 9.66 -10.40 -4.73
C ASP B 53 10.32 -9.13 -4.23
N ILE B 54 11.62 -8.99 -4.47
CA ILE B 54 12.40 -7.87 -3.98
C ILE B 54 12.98 -7.10 -5.16
N GLN B 55 12.93 -5.77 -5.06
CA GLN B 55 13.48 -4.88 -6.09
C GLN B 55 14.38 -3.86 -5.42
N CYS B 56 15.59 -3.72 -5.94
CA CYS B 56 16.59 -2.80 -5.40
C CYS B 56 17.02 -1.80 -6.46
N CYS B 57 17.42 -0.62 -6.01
CA CYS B 57 17.87 0.45 -6.91
C CYS B 57 18.69 1.45 -6.10
N SER B 58 19.64 2.10 -6.76
CA SER B 58 20.65 2.90 -6.09
C SER B 58 20.61 4.36 -6.48
N THR B 59 19.41 4.94 -6.57
CA THR B 59 19.26 6.38 -6.81
C THR B 59 18.29 6.94 -5.76
N ASP B 60 18.12 8.26 -5.79
CA ASP B 60 17.22 8.94 -4.85
C ASP B 60 15.78 8.69 -5.26
N ASN B 61 14.99 8.12 -4.33
CA ASN B 61 13.55 7.93 -4.50
C ASN B 61 13.23 7.10 -5.74
N CYS B 62 13.95 6.01 -5.94
CA CYS B 62 13.73 5.14 -7.08
C CYS B 62 12.79 3.98 -6.76
N ASN B 63 12.04 4.05 -5.67
CA ASN B 63 11.06 3.02 -5.29
C ASN B 63 9.69 3.67 -5.09
N PRO B 64 9.02 4.06 -6.18
CA PRO B 64 7.72 4.71 -6.05
C PRO B 64 6.67 3.79 -5.45
N PHE B 65 5.55 4.39 -5.01
CA PHE B 65 4.55 3.59 -4.30
C PHE B 65 3.84 2.61 -5.21
N PRO B 66 3.41 2.94 -6.45
CA PRO B 66 2.85 1.90 -7.31
C PRO B 66 3.87 0.84 -7.70
N THR B 67 4.08 -0.15 -6.84
CA THR B 67 5.03 -1.22 -7.11
C THR B 67 4.56 -2.04 -8.30
N ARG B 68 5.37 -2.08 -9.36
CA ARG B 68 5.03 -2.74 -10.62
C ARG B 68 3.72 -2.19 -11.18
#